data_2VJ5
#
_entry.id   2VJ5
#
_cell.length_a   91.370
_cell.length_b   91.370
_cell.length_c   215.840
_cell.angle_alpha   90.00
_cell.angle_beta   90.00
_cell.angle_gamma   90.00
#
_symmetry.space_group_name_H-M   'P 43 21 2'
#
loop_
_entity.id
_entity.type
_entity.pdbx_description
1 polymer 'PROTEIN MXIC'
2 water water
#
_entity_poly.entity_id   1
_entity_poly.type   'polypeptide(L)'
_entity_poly.pdbx_seq_one_letter_code
;HSSGLVPRGSHMSQERILDGEEDEINHKIFDLKRTLKDNLPLDRDFIDRLKRYFKDPSDQVLALRELLNEKDLTAEQVEL
LTKIINEIISGSEKSVNAGINSAIQAKLFGNKMKLEPQLLRACYRGFIMGNISTTDQYIEWLGNFGFNHRHTIVNFVEQS
LIVDMDSEKPSCNAYEFGFVLSKLIAIKMIRTSDVIFMKKLESSSLLKDGSLSAEQLLLTLLYIFQYPSESEQILTSVIE
VSRASHEDSVVYQTYLSSVNESPHDIFKSESEREIAINILRELVTSAYKKELSR
;
_entity_poly.pdbx_strand_id   A,B
#
# COMPACT_ATOMS: atom_id res chain seq x y z
N MET A 12 -26.51 7.72 -1.98
CA MET A 12 -26.97 8.05 -0.64
C MET A 12 -25.98 8.96 0.10
N SER A 13 -26.46 9.62 1.15
CA SER A 13 -25.65 10.54 1.95
C SER A 13 -24.95 9.82 3.10
N GLN A 14 -25.28 8.55 3.33
CA GLN A 14 -24.68 7.78 4.42
C GLN A 14 -23.45 7.01 3.96
N GLU A 15 -23.47 6.58 2.70
CA GLU A 15 -22.36 5.83 2.14
C GLU A 15 -21.08 6.66 2.10
N ARG A 16 -21.23 7.98 2.09
CA ARG A 16 -20.09 8.90 2.02
C ARG A 16 -19.51 9.28 3.38
N ILE A 17 -19.88 8.54 4.42
CA ILE A 17 -19.35 8.76 5.76
C ILE A 17 -18.21 7.77 6.06
N LEU A 18 -16.99 8.29 6.18
CA LEU A 18 -15.78 7.48 6.37
C LEU A 18 -15.24 7.43 7.81
N ASP A 19 -16.13 7.61 8.79
CA ASP A 19 -15.76 7.61 10.20
C ASP A 19 -16.39 6.43 10.95
N GLY A 20 -15.92 5.22 10.69
CA GLY A 20 -16.43 4.04 11.34
C GLY A 20 -16.85 2.92 10.42
N GLU A 21 -17.30 1.81 11.00
CA GLU A 21 -17.73 0.64 10.24
C GLU A 21 -19.18 0.77 9.81
N GLU A 22 -19.61 -0.13 8.94
CA GLU A 22 -20.97 -0.13 8.42
C GLU A 22 -22.04 -0.04 9.51
N ASP A 23 -21.85 -0.81 10.58
CA ASP A 23 -22.80 -0.82 11.69
C ASP A 23 -22.61 0.38 12.63
N GLU A 24 -21.36 0.70 12.93
CA GLU A 24 -21.04 1.81 13.81
C GLU A 24 -21.68 3.12 13.38
N ILE A 25 -21.92 3.25 12.07
CA ILE A 25 -22.55 4.45 11.54
C ILE A 25 -24.06 4.38 11.74
N ASN A 26 -24.63 3.18 11.60
CA ASN A 26 -26.05 2.98 11.78
C ASN A 26 -26.48 3.38 13.19
N HIS A 27 -25.74 2.89 14.19
CA HIS A 27 -26.04 3.17 15.59
C HIS A 27 -25.74 4.60 16.02
N LYS A 28 -24.70 5.20 15.45
CA LYS A 28 -24.35 6.58 15.78
C LYS A 28 -25.44 7.50 15.25
N ILE A 29 -26.08 7.07 14.17
CA ILE A 29 -27.14 7.84 13.53
C ILE A 29 -28.50 7.61 14.17
N PHE A 30 -28.69 6.44 14.79
CA PHE A 30 -29.96 6.11 15.45
C PHE A 30 -30.03 6.68 16.87
N ASP A 31 -28.86 6.95 17.46
CA ASP A 31 -28.79 7.53 18.79
C ASP A 31 -29.05 9.03 18.68
N LEU A 32 -28.97 9.55 17.46
CA LEU A 32 -29.22 10.96 17.19
C LEU A 32 -30.51 11.10 16.39
N LYS A 33 -31.11 9.96 16.06
CA LYS A 33 -32.39 9.90 15.35
C LYS A 33 -33.44 9.68 16.42
N ARG A 34 -33.01 9.03 17.51
CA ARG A 34 -33.86 8.78 18.65
C ARG A 34 -33.81 9.99 19.56
N THR A 35 -32.73 10.77 19.46
CA THR A 35 -32.60 12.00 20.25
C THR A 35 -33.58 13.05 19.72
N LEU A 36 -33.89 12.95 18.43
CA LEU A 36 -34.84 13.87 17.81
C LEU A 36 -36.23 13.24 17.74
N LYS A 37 -36.30 11.91 17.91
CA LYS A 37 -37.57 11.19 17.92
C LYS A 37 -38.38 11.53 19.16
N ASP A 38 -37.76 12.28 20.08
CA ASP A 38 -38.44 12.75 21.29
C ASP A 38 -39.52 13.70 20.79
N ASN A 39 -39.35 14.18 19.57
CA ASN A 39 -40.26 15.13 18.95
C ASN A 39 -40.26 16.45 19.70
N LEU A 40 -39.37 17.35 19.29
CA LEU A 40 -39.19 18.65 19.91
C LEU A 40 -38.37 18.54 21.20
N PRO A 41 -37.08 18.17 21.07
CA PRO A 41 -36.21 18.03 22.23
C PRO A 41 -35.26 19.23 22.38
N LEU A 42 -34.08 18.99 22.95
CA LEU A 42 -33.08 20.04 23.13
C LEU A 42 -32.02 19.94 22.04
N ASP A 43 -32.03 20.91 21.12
CA ASP A 43 -31.06 20.92 20.02
C ASP A 43 -29.68 21.42 20.46
N ARG A 44 -29.67 22.26 21.49
CA ARG A 44 -28.41 22.79 22.02
C ARG A 44 -27.70 21.74 22.86
N ASP A 45 -26.39 21.67 22.72
CA ASP A 45 -25.58 20.70 23.45
C ASP A 45 -25.73 19.29 22.88
N PHE A 46 -26.75 19.10 22.06
CA PHE A 46 -26.96 17.83 21.36
C PHE A 46 -26.04 17.92 20.15
N ILE A 47 -25.63 19.14 19.84
CA ILE A 47 -24.71 19.43 18.76
C ILE A 47 -23.33 18.97 19.23
N ASP A 48 -23.03 19.22 20.51
CA ASP A 48 -21.76 18.82 21.11
C ASP A 48 -21.66 17.30 21.21
N ARG A 49 -22.82 16.64 21.16
CA ARG A 49 -22.89 15.18 21.22
C ARG A 49 -23.07 14.61 19.81
N LEU A 50 -22.75 15.43 18.82
CA LEU A 50 -22.80 15.04 17.42
C LEU A 50 -21.44 15.35 16.84
N LYS A 51 -20.80 16.37 17.41
CA LYS A 51 -19.46 16.79 17.01
C LYS A 51 -18.45 15.82 17.64
N ARG A 52 -18.94 14.99 18.56
CA ARG A 52 -18.09 14.03 19.23
C ARG A 52 -18.35 12.62 18.70
N TYR A 53 -19.46 12.47 18.00
CA TYR A 53 -19.81 11.20 17.36
C TYR A 53 -18.95 11.14 16.09
N PHE A 54 -19.03 12.20 15.30
CA PHE A 54 -18.27 12.35 14.07
C PHE A 54 -17.44 13.62 14.14
N LYS A 55 -16.13 13.45 14.31
CA LYS A 55 -15.23 14.58 14.42
C LYS A 55 -15.13 15.39 13.12
N ASP A 56 -15.33 14.73 11.99
CA ASP A 56 -15.22 15.37 10.68
C ASP A 56 -16.46 16.12 10.20
N PRO A 57 -16.29 17.37 9.76
CA PRO A 57 -17.34 18.27 9.26
C PRO A 57 -18.07 17.70 8.07
N SER A 58 -17.40 16.86 7.28
CA SER A 58 -18.03 16.23 6.14
C SER A 58 -18.97 15.14 6.63
N ASP A 59 -18.61 14.50 7.75
CA ASP A 59 -19.41 13.43 8.33
C ASP A 59 -20.62 13.96 9.10
N GLN A 60 -20.43 15.06 9.81
CA GLN A 60 -21.50 15.69 10.57
C GLN A 60 -22.62 16.16 9.62
N VAL A 61 -22.22 16.82 8.55
CA VAL A 61 -23.16 17.35 7.55
C VAL A 61 -23.92 16.28 6.77
N LEU A 62 -23.29 15.13 6.54
CA LEU A 62 -23.94 14.05 5.81
C LEU A 62 -24.91 13.33 6.73
N ALA A 63 -24.62 13.36 8.02
CA ALA A 63 -25.48 12.73 9.02
C ALA A 63 -26.81 13.49 9.12
N LEU A 64 -26.71 14.81 9.21
CA LEU A 64 -27.88 15.68 9.29
C LEU A 64 -28.72 15.57 8.02
N ARG A 65 -28.08 15.20 6.92
CA ARG A 65 -28.77 15.05 5.63
C ARG A 65 -29.62 13.79 5.63
N GLU A 66 -29.22 12.81 6.45
CA GLU A 66 -29.94 11.55 6.57
C GLU A 66 -31.12 11.71 7.54
N LEU A 67 -30.99 12.68 8.44
CA LEU A 67 -32.04 13.00 9.39
C LEU A 67 -33.18 13.71 8.64
N LEU A 68 -32.82 14.42 7.58
CA LEU A 68 -33.78 15.15 6.75
C LEU A 68 -34.51 14.23 5.77
N ASN A 69 -34.08 12.97 5.72
CA ASN A 69 -34.67 11.99 4.82
C ASN A 69 -35.87 11.26 5.43
N GLU A 70 -36.05 11.42 6.75
CA GLU A 70 -37.15 10.76 7.44
C GLU A 70 -38.27 11.71 7.86
N LYS A 71 -39.51 11.23 7.76
CA LYS A 71 -40.70 12.00 8.16
C LYS A 71 -41.51 11.10 9.12
N ASP A 72 -42.46 11.66 9.88
CA ASP A 72 -42.72 13.09 9.96
C ASP A 72 -42.41 13.55 11.39
N LEU A 73 -41.27 14.25 11.51
CA LEU A 73 -40.75 14.84 12.75
C LEU A 73 -41.02 16.34 13.11
N THR A 74 -40.90 17.36 12.24
CA THR A 74 -40.54 17.43 10.81
C THR A 74 -40.72 18.88 10.36
N ALA A 75 -41.90 19.25 9.83
CA ALA A 75 -42.12 20.56 9.26
C ALA A 75 -42.06 21.74 10.24
N GLU A 76 -40.94 21.85 10.93
CA GLU A 76 -40.71 22.95 11.86
C GLU A 76 -39.30 22.83 12.41
N GLN A 77 -38.90 21.59 12.70
CA GLN A 77 -37.57 21.32 13.23
C GLN A 77 -36.65 20.95 12.06
N VAL A 78 -37.23 20.85 10.88
CA VAL A 78 -36.49 20.59 9.66
C VAL A 78 -35.82 21.90 9.30
N GLU A 79 -36.39 22.97 9.85
CA GLU A 79 -35.89 24.33 9.66
C GLU A 79 -34.73 24.57 10.63
N LEU A 80 -34.83 23.95 11.81
CA LEU A 80 -33.79 24.08 12.83
C LEU A 80 -32.62 23.13 12.54
N LEU A 81 -32.89 22.12 11.73
CA LEU A 81 -31.87 21.13 11.35
C LEU A 81 -31.02 21.65 10.19
N THR A 82 -31.67 22.28 9.21
CA THR A 82 -30.97 22.83 8.05
C THR A 82 -30.21 24.10 8.40
N LYS A 83 -30.48 24.66 9.58
CA LYS A 83 -29.76 25.85 10.00
C LYS A 83 -28.48 25.44 10.72
N ILE A 84 -28.43 24.20 11.19
CA ILE A 84 -27.23 23.67 11.84
C ILE A 84 -26.27 23.19 10.75
N ILE A 85 -26.83 22.61 9.70
CA ILE A 85 -26.04 22.17 8.57
C ILE A 85 -25.28 23.38 8.03
N ASN A 86 -26.00 24.47 7.78
CA ASN A 86 -25.41 25.71 7.27
C ASN A 86 -24.55 26.42 8.32
N GLU A 87 -24.57 25.90 9.55
CA GLU A 87 -23.79 26.49 10.64
C GLU A 87 -22.39 25.92 10.58
N ILE A 88 -22.29 24.66 10.17
CA ILE A 88 -21.00 23.98 10.02
C ILE A 88 -20.37 24.38 8.68
N ILE A 89 -21.16 24.21 7.61
CA ILE A 89 -20.73 24.52 6.26
C ILE A 89 -20.29 25.97 6.10
N SER A 90 -20.94 26.89 6.80
CA SER A 90 -20.56 28.30 6.74
C SER A 90 -19.29 28.50 7.56
N GLY A 91 -18.15 28.50 6.88
CA GLY A 91 -16.85 28.62 7.51
C GLY A 91 -15.88 27.74 6.76
N SER A 92 -16.36 26.57 6.36
CA SER A 92 -15.55 25.62 5.60
C SER A 92 -16.40 24.93 4.54
N GLU A 93 -16.78 25.70 3.52
CA GLU A 93 -17.59 25.19 2.41
C GLU A 93 -16.74 24.34 1.46
N LYS A 94 -15.44 24.66 1.39
CA LYS A 94 -14.49 23.96 0.52
C LYS A 94 -14.01 22.66 1.15
N SER A 95 -13.85 22.64 2.46
CA SER A 95 -13.38 21.46 3.14
C SER A 95 -14.48 20.39 3.23
N VAL A 96 -15.72 20.83 3.46
CA VAL A 96 -16.87 19.94 3.56
C VAL A 96 -17.29 19.33 2.20
N ASN A 97 -17.22 20.15 1.15
CA ASN A 97 -17.58 19.73 -0.21
C ASN A 97 -16.49 18.85 -0.84
N ALA A 98 -15.25 19.06 -0.43
CA ALA A 98 -14.13 18.28 -0.95
C ALA A 98 -14.12 16.88 -0.36
N GLY A 99 -14.62 16.76 0.87
CA GLY A 99 -14.68 15.50 1.60
C GLY A 99 -15.94 14.71 1.30
N ILE A 100 -16.98 15.41 0.85
CA ILE A 100 -18.23 14.75 0.50
C ILE A 100 -18.14 14.21 -0.92
N ASN A 101 -17.72 15.08 -1.84
CA ASN A 101 -17.59 14.74 -3.26
C ASN A 101 -16.62 13.59 -3.53
N SER A 102 -15.47 13.61 -2.87
CA SER A 102 -14.44 12.59 -3.05
C SER A 102 -14.51 11.45 -2.03
N ALA A 103 -15.70 11.15 -1.52
CA ALA A 103 -15.84 10.09 -0.52
C ALA A 103 -16.06 8.70 -1.08
N ILE A 104 -16.45 8.61 -2.35
CA ILE A 104 -16.65 7.30 -2.99
C ILE A 104 -15.33 6.80 -3.57
N GLN A 105 -14.52 7.74 -4.05
CA GLN A 105 -13.20 7.42 -4.59
C GLN A 105 -12.28 7.08 -3.41
N ALA A 106 -12.51 7.71 -2.27
CA ALA A 106 -11.70 7.44 -1.10
C ALA A 106 -12.06 6.06 -0.57
N LYS A 107 -13.21 5.55 -0.98
CA LYS A 107 -13.64 4.22 -0.55
C LYS A 107 -13.19 3.18 -1.58
N LEU A 108 -13.23 3.57 -2.85
CA LEU A 108 -12.80 2.71 -3.96
C LEU A 108 -11.31 2.47 -3.90
N PHE A 109 -10.56 3.55 -3.66
CA PHE A 109 -9.11 3.50 -3.63
C PHE A 109 -8.58 3.05 -2.27
N GLY A 110 -9.31 3.35 -1.20
CA GLY A 110 -8.86 2.95 0.12
C GLY A 110 -8.90 1.44 0.27
N ASN A 111 -9.57 0.75 -0.63
CA ASN A 111 -9.66 -0.70 -0.57
C ASN A 111 -8.76 -1.27 -1.64
N LYS A 112 -8.61 -0.50 -2.72
CA LYS A 112 -7.74 -0.87 -3.84
C LYS A 112 -6.27 -0.92 -3.37
N MET A 113 -5.87 0.06 -2.57
CA MET A 113 -4.50 0.14 -2.03
C MET A 113 -4.41 -0.35 -0.60
N LYS A 114 -5.54 -0.80 -0.05
CA LYS A 114 -5.61 -1.24 1.33
C LYS A 114 -5.09 -0.10 2.18
N LEU A 115 -5.94 0.91 2.32
CA LEU A 115 -5.65 2.14 3.05
C LEU A 115 -6.94 2.68 3.67
N GLU A 116 -6.84 3.32 4.82
CA GLU A 116 -8.01 3.88 5.49
C GLU A 116 -8.54 5.06 4.67
N PRO A 117 -9.76 4.94 4.14
CA PRO A 117 -10.47 5.91 3.30
C PRO A 117 -10.46 7.35 3.80
N GLN A 118 -10.61 7.57 5.11
CA GLN A 118 -10.63 8.93 5.63
C GLN A 118 -9.23 9.56 5.57
N LEU A 119 -8.24 8.75 5.26
CA LEU A 119 -6.85 9.19 5.14
C LEU A 119 -6.71 9.74 3.73
N LEU A 120 -7.50 9.17 2.82
CA LEU A 120 -7.47 9.56 1.42
C LEU A 120 -8.30 10.82 1.19
N ARG A 121 -9.47 10.90 1.82
CA ARG A 121 -10.32 12.07 1.69
C ARG A 121 -9.57 13.28 2.24
N ALA A 122 -8.77 13.04 3.28
CA ALA A 122 -7.95 14.08 3.90
C ALA A 122 -6.75 14.47 3.04
N CYS A 123 -6.39 13.59 2.10
CA CYS A 123 -5.27 13.83 1.17
C CYS A 123 -5.69 14.73 0.03
N TYR A 124 -6.86 14.46 -0.52
CA TYR A 124 -7.43 15.24 -1.60
C TYR A 124 -7.88 16.58 -1.04
N ARG A 125 -8.57 16.55 0.09
CA ARG A 125 -9.05 17.76 0.73
C ARG A 125 -7.92 18.72 1.14
N GLY A 126 -6.72 18.18 1.35
CA GLY A 126 -5.55 18.95 1.70
C GLY A 126 -4.78 19.38 0.47
N PHE A 127 -5.02 18.69 -0.64
CA PHE A 127 -4.39 19.01 -1.90
C PHE A 127 -5.02 20.24 -2.53
N ILE A 128 -6.35 20.27 -2.53
CA ILE A 128 -7.12 21.38 -3.10
C ILE A 128 -6.91 22.72 -2.39
N MET A 129 -6.34 22.70 -1.19
CA MET A 129 -6.10 23.94 -0.47
C MET A 129 -4.76 23.94 0.22
N GLY A 130 -3.72 23.68 -0.56
CA GLY A 130 -2.36 23.68 -0.07
C GLY A 130 -1.56 24.58 -0.98
N ASN A 131 -0.68 25.38 -0.38
CA ASN A 131 0.19 26.29 -1.13
C ASN A 131 1.65 25.83 -1.12
N ILE A 132 1.89 24.62 -1.63
CA ILE A 132 3.24 24.04 -1.72
C ILE A 132 3.55 23.67 -3.17
N SER A 133 4.84 23.67 -3.51
CA SER A 133 5.25 23.35 -4.87
C SER A 133 4.81 21.97 -5.31
N THR A 134 4.76 21.77 -6.63
CA THR A 134 4.36 20.50 -7.21
C THR A 134 5.25 19.36 -6.75
N THR A 135 6.51 19.68 -6.46
CA THR A 135 7.49 18.70 -5.97
C THR A 135 7.26 18.34 -4.49
N ASP A 136 7.06 19.36 -3.67
CA ASP A 136 6.83 19.15 -2.24
C ASP A 136 5.58 18.32 -2.01
N GLN A 137 4.62 18.44 -2.91
CA GLN A 137 3.40 17.66 -2.85
C GLN A 137 3.74 16.19 -3.11
N TYR A 138 4.36 15.93 -4.25
CA TYR A 138 4.76 14.57 -4.60
C TYR A 138 5.55 13.93 -3.47
N ILE A 139 6.50 14.67 -2.90
CA ILE A 139 7.32 14.19 -1.78
C ILE A 139 6.51 13.90 -0.50
N GLU A 140 5.46 14.67 -0.26
CA GLU A 140 4.64 14.49 0.94
C GLU A 140 3.79 13.23 0.84
N TRP A 141 3.23 12.98 -0.34
CA TRP A 141 2.39 11.80 -0.58
C TRP A 141 3.25 10.54 -0.53
N LEU A 142 4.53 10.69 -0.88
CA LEU A 142 5.48 9.59 -0.87
C LEU A 142 5.75 9.14 0.58
N GLY A 143 5.86 10.11 1.47
CA GLY A 143 6.11 9.84 2.88
C GLY A 143 4.87 9.39 3.63
N ASN A 144 3.73 10.00 3.29
CA ASN A 144 2.45 9.71 3.93
C ASN A 144 1.88 8.34 3.55
N PHE A 145 1.96 8.01 2.27
CA PHE A 145 1.40 6.76 1.76
C PHE A 145 2.38 5.69 1.29
N GLY A 146 3.67 5.93 1.50
CA GLY A 146 4.69 4.96 1.14
C GLY A 146 5.08 5.01 -0.33
N PHE A 147 6.21 4.39 -0.62
CA PHE A 147 6.74 4.31 -1.97
C PHE A 147 5.76 3.63 -2.94
N ASN A 148 5.18 2.51 -2.53
CA ASN A 148 4.28 1.74 -3.40
C ASN A 148 3.10 2.52 -4.00
N HIS A 149 2.43 3.30 -3.17
CA HIS A 149 1.26 4.09 -3.58
C HIS A 149 1.61 5.49 -4.02
N ARG A 150 2.76 5.71 -4.65
CA ARG A 150 3.11 7.07 -5.06
C ARG A 150 2.55 7.43 -6.44
N HIS A 151 2.20 6.42 -7.22
CA HIS A 151 1.59 6.62 -8.53
C HIS A 151 0.05 6.53 -8.45
N THR A 152 -0.44 5.62 -7.61
CA THR A 152 -1.89 5.43 -7.44
C THR A 152 -2.51 6.64 -6.77
N ILE A 153 -1.84 7.17 -5.77
CA ILE A 153 -2.35 8.35 -5.09
C ILE A 153 -2.61 9.54 -5.98
N VAL A 154 -1.96 9.61 -7.16
CA VAL A 154 -2.24 10.72 -8.07
C VAL A 154 -3.41 10.41 -9.01
N ASN A 155 -3.78 9.13 -9.10
CA ASN A 155 -4.94 8.74 -9.90
C ASN A 155 -6.13 8.97 -8.99
N PHE A 156 -5.97 8.67 -7.71
CA PHE A 156 -7.05 8.92 -6.76
C PHE A 156 -7.37 10.41 -6.73
N VAL A 157 -6.33 11.25 -6.64
CA VAL A 157 -6.51 12.70 -6.61
C VAL A 157 -7.15 13.21 -7.89
N GLU A 158 -6.74 12.66 -9.03
CA GLU A 158 -7.28 13.07 -10.32
C GLU A 158 -8.72 12.60 -10.48
N GLN A 159 -8.98 11.36 -10.09
CA GLN A 159 -10.32 10.79 -10.17
C GLN A 159 -11.33 11.47 -9.24
N SER A 160 -10.86 12.04 -8.13
CA SER A 160 -11.71 12.75 -7.19
C SER A 160 -11.97 14.14 -7.71
N LEU A 161 -11.01 14.69 -8.47
CA LEU A 161 -11.14 16.03 -9.03
C LEU A 161 -12.20 15.99 -10.14
N ILE A 162 -12.17 14.93 -10.93
CA ILE A 162 -13.09 14.74 -12.04
C ILE A 162 -14.52 14.65 -11.54
N VAL A 163 -14.65 14.13 -10.33
CA VAL A 163 -15.94 13.91 -9.67
C VAL A 163 -16.38 15.16 -8.93
N ASP A 164 -15.41 15.87 -8.35
CA ASP A 164 -15.70 17.09 -7.61
C ASP A 164 -16.29 18.13 -8.57
N MET A 165 -15.73 18.21 -9.78
CA MET A 165 -16.21 19.16 -10.77
C MET A 165 -17.62 18.82 -11.21
N ASP A 166 -17.80 17.57 -11.65
CA ASP A 166 -19.08 17.06 -12.12
C ASP A 166 -20.08 16.84 -10.98
N SER A 167 -19.90 17.53 -9.86
CA SER A 167 -20.78 17.43 -8.71
C SER A 167 -21.65 18.68 -8.61
N GLU A 168 -22.87 18.50 -8.12
CA GLU A 168 -23.80 19.63 -8.01
C GLU A 168 -23.35 20.72 -7.04
N LYS A 169 -22.42 20.39 -6.15
CA LYS A 169 -21.88 21.38 -5.22
C LYS A 169 -20.35 21.23 -5.09
N PRO A 170 -19.60 21.64 -6.14
CA PRO A 170 -18.14 21.51 -6.15
C PRO A 170 -17.50 22.35 -5.05
N SER A 171 -16.25 22.05 -4.72
CA SER A 171 -15.56 22.78 -3.68
C SER A 171 -14.92 24.07 -4.19
N CYS A 172 -14.43 24.05 -5.43
CA CYS A 172 -13.79 25.22 -6.04
C CYS A 172 -14.57 25.74 -7.25
N ASN A 173 -14.34 27.00 -7.61
CA ASN A 173 -15.01 27.57 -8.76
C ASN A 173 -14.24 27.21 -10.01
N ALA A 174 -14.66 27.72 -11.15
CA ALA A 174 -14.01 27.42 -12.41
C ALA A 174 -12.53 27.76 -12.43
N TYR A 175 -12.15 28.89 -11.83
CA TYR A 175 -10.77 29.36 -11.80
C TYR A 175 -9.88 28.56 -10.86
N GLU A 176 -10.43 28.16 -9.72
CA GLU A 176 -9.69 27.38 -8.75
C GLU A 176 -9.60 25.96 -9.24
N PHE A 177 -10.59 25.49 -10.00
CA PHE A 177 -10.57 24.12 -10.54
C PHE A 177 -9.67 24.07 -11.75
N GLY A 178 -9.44 25.24 -12.33
CA GLY A 178 -8.55 25.37 -13.47
C GLY A 178 -7.12 25.32 -12.98
N PHE A 179 -6.80 26.05 -11.90
CA PHE A 179 -5.45 26.07 -11.34
C PHE A 179 -5.06 24.74 -10.70
N VAL A 180 -5.97 24.15 -9.94
CA VAL A 180 -5.72 22.85 -9.28
C VAL A 180 -5.36 21.78 -10.32
N LEU A 181 -5.90 21.89 -11.53
CA LEU A 181 -5.59 20.95 -12.58
C LEU A 181 -4.20 21.16 -13.17
N SER A 182 -3.71 22.41 -13.15
CA SER A 182 -2.35 22.67 -13.64
C SER A 182 -1.35 22.14 -12.59
N LYS A 183 -1.72 22.14 -11.31
CA LYS A 183 -0.88 21.59 -10.24
C LYS A 183 -0.86 20.08 -10.41
N LEU A 184 -1.90 19.56 -11.07
CA LEU A 184 -2.01 18.12 -11.25
C LEU A 184 -1.39 17.64 -12.56
N ILE A 185 -1.24 18.53 -13.53
CA ILE A 185 -0.57 18.13 -14.76
C ILE A 185 0.92 18.01 -14.40
N ALA A 186 1.44 18.98 -13.65
CA ALA A 186 2.84 18.97 -13.25
C ALA A 186 3.17 17.72 -12.45
N ILE A 187 2.30 17.38 -11.51
CA ILE A 187 2.49 16.19 -10.69
C ILE A 187 2.43 14.90 -11.55
N LYS A 188 1.79 14.97 -12.72
CA LYS A 188 1.70 13.82 -13.61
C LYS A 188 2.93 13.82 -14.54
N MET A 189 3.76 14.86 -14.41
CA MET A 189 5.00 14.97 -15.19
C MET A 189 6.13 14.49 -14.29
N ILE A 190 6.01 14.78 -13.00
CA ILE A 190 7.00 14.37 -12.03
C ILE A 190 6.96 12.85 -11.98
N ARG A 191 5.76 12.29 -12.11
CA ARG A 191 5.55 10.84 -12.12
C ARG A 191 6.10 10.23 -13.40
N THR A 192 5.99 10.94 -14.51
CA THR A 192 6.49 10.43 -15.78
C THR A 192 8.02 10.25 -15.82
N SER A 193 8.74 11.15 -15.16
CA SER A 193 10.20 11.08 -15.07
C SER A 193 10.64 10.15 -13.93
N ASP A 194 9.69 9.88 -13.02
CA ASP A 194 9.92 8.95 -11.91
C ASP A 194 9.91 7.56 -12.53
N VAL A 195 8.92 7.30 -13.39
CA VAL A 195 8.83 6.03 -14.07
C VAL A 195 10.07 5.79 -14.93
N ILE A 196 10.46 6.83 -15.68
CA ILE A 196 11.64 6.80 -16.57
C ILE A 196 12.93 6.54 -15.81
N PHE A 197 13.15 7.29 -14.74
CA PHE A 197 14.32 7.15 -13.90
C PHE A 197 14.39 5.72 -13.35
N MET A 198 13.24 5.20 -12.93
CA MET A 198 13.19 3.84 -12.39
C MET A 198 13.60 2.78 -13.41
N LYS A 199 13.39 3.06 -14.70
CA LYS A 199 13.80 2.14 -15.75
C LYS A 199 15.32 2.21 -15.91
N LYS A 200 15.88 3.36 -15.53
CA LYS A 200 17.32 3.58 -15.61
C LYS A 200 18.04 2.95 -14.43
N LEU A 201 17.42 2.99 -13.25
CA LEU A 201 17.99 2.38 -12.04
C LEU A 201 18.11 0.87 -12.15
N GLU A 202 17.22 0.25 -12.93
CA GLU A 202 17.22 -1.21 -13.07
C GLU A 202 18.23 -1.70 -14.12
N SER A 203 18.31 -0.98 -15.24
CA SER A 203 19.26 -1.30 -16.30
C SER A 203 20.69 -1.10 -15.78
N SER A 204 20.90 -0.02 -15.03
CA SER A 204 22.20 0.26 -14.42
C SER A 204 22.39 -0.62 -13.18
N SER A 205 21.28 -1.12 -12.66
CA SER A 205 21.29 -2.01 -11.51
C SER A 205 22.20 -1.55 -10.37
N LEU A 206 21.91 -0.37 -9.81
CA LEU A 206 22.69 0.16 -8.70
C LEU A 206 22.09 -0.25 -7.36
N LEU A 207 20.76 -0.25 -7.32
CA LEU A 207 20.03 -0.64 -6.12
C LEU A 207 20.01 -2.16 -6.02
N LYS A 208 20.43 -2.83 -7.11
CA LYS A 208 20.45 -4.28 -7.21
C LYS A 208 21.18 -5.01 -6.08
N ASP A 209 22.35 -4.50 -5.70
CA ASP A 209 23.13 -5.12 -4.62
C ASP A 209 22.46 -5.08 -3.25
N GLY A 210 21.83 -3.95 -2.92
CA GLY A 210 21.11 -3.79 -1.66
C GLY A 210 21.53 -2.57 -0.85
N SER A 211 22.66 -1.98 -1.23
CA SER A 211 23.20 -0.82 -0.54
C SER A 211 22.24 0.38 -0.58
N LEU A 212 21.79 0.73 -1.78
CA LEU A 212 20.92 1.89 -1.98
C LEU A 212 19.42 1.58 -2.06
N SER A 213 18.64 2.45 -1.45
CA SER A 213 17.18 2.36 -1.45
C SER A 213 16.68 3.15 -2.66
N ALA A 214 15.66 2.63 -3.34
CA ALA A 214 15.13 3.30 -4.52
C ALA A 214 14.42 4.59 -4.13
N GLU A 215 13.91 4.63 -2.90
CA GLU A 215 13.21 5.79 -2.37
C GLU A 215 14.15 6.99 -2.25
N GLN A 216 15.27 6.79 -1.57
CA GLN A 216 16.23 7.86 -1.39
C GLN A 216 16.90 8.24 -2.70
N LEU A 217 16.92 7.31 -3.65
CA LEU A 217 17.51 7.55 -4.96
C LEU A 217 16.57 8.51 -5.72
N LEU A 218 15.27 8.30 -5.52
CA LEU A 218 14.24 9.14 -6.13
C LEU A 218 14.30 10.53 -5.50
N LEU A 219 14.29 10.56 -4.16
CA LEU A 219 14.35 11.81 -3.41
C LEU A 219 15.48 12.69 -3.93
N THR A 220 16.60 12.05 -4.26
CA THR A 220 17.76 12.76 -4.79
C THR A 220 17.43 13.45 -6.10
N LEU A 221 16.67 12.77 -6.94
CA LEU A 221 16.27 13.31 -8.22
C LEU A 221 15.33 14.50 -8.08
N LEU A 222 14.39 14.41 -7.14
CA LEU A 222 13.41 15.48 -6.91
C LEU A 222 14.09 16.78 -6.50
N TYR A 223 15.12 16.66 -5.68
CA TYR A 223 15.88 17.80 -5.19
C TYR A 223 16.68 18.47 -6.28
N ILE A 224 17.01 17.72 -7.33
CA ILE A 224 17.75 18.24 -8.46
C ILE A 224 16.78 19.08 -9.30
N PHE A 225 15.50 18.75 -9.19
CA PHE A 225 14.44 19.45 -9.92
C PHE A 225 14.19 20.78 -9.21
N GLN A 226 14.27 20.75 -7.87
CA GLN A 226 14.07 21.92 -7.03
C GLN A 226 15.27 22.87 -7.05
N TYR A 227 16.45 22.33 -6.76
CA TYR A 227 17.69 23.11 -6.73
C TYR A 227 18.74 22.46 -7.64
N PRO A 228 18.71 22.79 -8.95
CA PRO A 228 19.67 22.22 -9.91
C PRO A 228 21.10 22.67 -9.68
N SER A 229 21.26 23.83 -9.04
CA SER A 229 22.56 24.41 -8.75
C SER A 229 23.36 23.56 -7.76
N GLU A 230 22.66 22.97 -6.78
CA GLU A 230 23.31 22.12 -5.78
C GLU A 230 23.28 20.64 -6.15
N SER A 231 23.10 20.34 -7.44
CA SER A 231 23.07 18.95 -7.90
C SER A 231 24.27 18.14 -7.39
N GLU A 232 25.47 18.70 -7.52
CA GLU A 232 26.69 18.04 -7.09
C GLU A 232 26.67 17.77 -5.58
N GLN A 233 26.12 18.73 -4.83
CA GLN A 233 26.01 18.64 -3.38
C GLN A 233 24.90 17.66 -3.01
N ILE A 234 23.89 17.57 -3.88
CA ILE A 234 22.74 16.69 -3.68
C ILE A 234 23.16 15.22 -3.79
N LEU A 235 23.87 14.89 -4.86
CA LEU A 235 24.33 13.53 -5.11
C LEU A 235 25.48 13.11 -4.22
N THR A 236 25.66 13.79 -3.09
CA THR A 236 26.75 13.44 -2.17
C THR A 236 26.44 12.19 -1.36
N SER A 237 25.22 12.13 -0.82
CA SER A 237 24.81 10.98 -0.01
C SER A 237 24.77 9.69 -0.81
N VAL A 238 24.56 9.83 -2.11
CA VAL A 238 24.53 8.68 -3.02
C VAL A 238 25.94 8.17 -3.27
N ILE A 239 26.87 9.10 -3.52
CA ILE A 239 28.26 8.77 -3.80
C ILE A 239 28.92 7.95 -2.69
N GLU A 240 28.61 8.31 -1.44
CA GLU A 240 29.17 7.60 -0.29
C GLU A 240 28.79 6.11 -0.31
N VAL A 241 27.53 5.83 -0.65
CA VAL A 241 27.02 4.46 -0.69
C VAL A 241 27.24 3.80 -2.06
N SER A 242 27.49 4.63 -3.07
CA SER A 242 27.71 4.18 -4.43
C SER A 242 29.14 3.68 -4.66
N ARG A 243 30.13 4.44 -4.19
CA ARG A 243 31.54 4.06 -4.33
C ARG A 243 31.82 2.61 -3.90
N ALA A 244 31.31 2.23 -2.72
CA ALA A 244 31.52 0.92 -2.10
C ALA A 244 31.17 -0.29 -2.98
N SER A 245 30.53 -0.04 -4.13
CA SER A 245 30.11 -1.11 -5.02
C SER A 245 30.18 -0.72 -6.50
N HIS A 246 29.55 0.41 -6.83
CA HIS A 246 29.48 0.89 -8.21
C HIS A 246 30.42 2.06 -8.54
N GLU A 247 30.40 2.47 -9.81
CA GLU A 247 31.25 3.55 -10.30
C GLU A 247 30.67 4.96 -10.05
N ASP A 248 31.16 5.94 -10.81
CA ASP A 248 30.70 7.32 -10.71
C ASP A 248 30.15 7.80 -12.06
N SER A 249 30.66 7.23 -13.15
CA SER A 249 30.16 7.55 -14.47
C SER A 249 28.88 6.75 -14.71
N VAL A 250 28.51 5.96 -13.69
CA VAL A 250 27.31 5.14 -13.72
C VAL A 250 26.15 5.87 -13.04
N VAL A 251 26.41 6.39 -11.83
CA VAL A 251 25.41 7.14 -11.08
C VAL A 251 25.07 8.48 -11.75
N TYR A 252 26.06 9.09 -12.40
CA TYR A 252 25.84 10.35 -13.10
C TYR A 252 25.13 10.14 -14.42
N GLN A 253 25.46 9.04 -15.10
CA GLN A 253 24.83 8.72 -16.38
C GLN A 253 23.36 8.32 -16.20
N THR A 254 23.05 7.75 -15.03
CA THR A 254 21.68 7.34 -14.70
C THR A 254 20.78 8.57 -14.56
N TYR A 255 21.28 9.60 -13.89
CA TYR A 255 20.55 10.84 -13.71
C TYR A 255 20.51 11.68 -14.97
N LEU A 256 21.62 11.71 -15.72
CA LEU A 256 21.69 12.50 -16.95
C LEU A 256 20.79 12.00 -18.08
N SER A 257 20.91 10.74 -18.47
CA SER A 257 20.09 10.20 -19.54
C SER A 257 18.60 10.21 -19.15
N SER A 258 18.33 10.21 -17.84
CA SER A 258 16.96 10.24 -17.29
C SER A 258 16.34 11.61 -17.49
N VAL A 259 17.16 12.65 -17.36
CA VAL A 259 16.73 14.03 -17.50
C VAL A 259 16.41 14.44 -18.94
N ASN A 260 17.23 14.00 -19.89
CA ASN A 260 17.02 14.40 -21.29
C ASN A 260 15.72 13.86 -21.85
N GLU A 261 15.35 12.65 -21.45
CA GLU A 261 14.14 12.02 -21.93
C GLU A 261 12.96 12.17 -20.96
N SER A 262 13.02 13.21 -20.12
CA SER A 262 11.97 13.51 -19.17
C SER A 262 11.25 14.80 -19.58
N PRO A 263 10.02 15.02 -19.07
CA PRO A 263 9.27 16.24 -19.39
C PRO A 263 10.06 17.49 -19.01
N HIS A 264 10.11 18.44 -19.93
CA HIS A 264 10.90 19.65 -19.78
C HIS A 264 10.40 20.65 -18.73
N ASP A 265 9.09 20.83 -18.68
CA ASP A 265 8.49 21.79 -17.77
C ASP A 265 8.59 21.45 -16.28
N ILE A 266 9.19 20.29 -15.97
CA ILE A 266 9.35 19.89 -14.57
C ILE A 266 10.19 20.93 -13.83
N PHE A 267 11.17 21.48 -14.52
CA PHE A 267 12.07 22.48 -13.95
C PHE A 267 11.39 23.85 -13.93
N LYS A 268 11.88 24.73 -13.06
CA LYS A 268 11.34 26.08 -12.95
C LYS A 268 11.36 26.84 -14.28
N SER A 269 12.30 26.48 -15.16
CA SER A 269 12.40 27.09 -16.48
C SER A 269 13.13 26.15 -17.45
N GLU A 270 13.61 26.69 -18.57
CA GLU A 270 14.35 25.87 -19.54
C GLU A 270 15.84 26.11 -19.34
N SER A 271 16.17 27.29 -18.81
CA SER A 271 17.56 27.67 -18.54
C SER A 271 17.92 27.33 -17.10
N GLU A 272 16.90 27.08 -16.29
CA GLU A 272 17.11 26.64 -14.92
C GLU A 272 17.21 25.12 -15.00
N ARG A 273 16.85 24.61 -16.18
CA ARG A 273 16.93 23.19 -16.49
C ARG A 273 18.35 22.93 -16.97
N GLU A 274 18.95 23.95 -17.59
CA GLU A 274 20.32 23.87 -18.12
C GLU A 274 21.34 23.77 -17.00
N ILE A 275 21.07 24.45 -15.88
CA ILE A 275 21.96 24.43 -14.71
C ILE A 275 22.09 23.01 -14.18
N ALA A 276 21.12 22.17 -14.49
CA ALA A 276 21.10 20.77 -14.05
C ALA A 276 21.76 19.83 -15.07
N ILE A 277 21.41 19.99 -16.35
CA ILE A 277 21.99 19.15 -17.40
C ILE A 277 23.49 19.38 -17.52
N ASN A 278 23.91 20.64 -17.37
CA ASN A 278 25.32 21.00 -17.48
C ASN A 278 26.17 20.51 -16.31
N ILE A 279 25.59 20.48 -15.11
CA ILE A 279 26.30 19.99 -13.94
C ILE A 279 26.44 18.47 -13.98
N LEU A 280 25.47 17.79 -14.58
CA LEU A 280 25.50 16.33 -14.71
C LEU A 280 26.41 15.92 -15.87
N ARG A 281 26.51 16.80 -16.86
CA ARG A 281 27.36 16.57 -18.02
C ARG A 281 28.81 16.82 -17.62
N GLU A 282 29.03 17.83 -16.78
CA GLU A 282 30.35 18.17 -16.28
C GLU A 282 30.82 17.14 -15.26
N LEU A 283 29.88 16.62 -14.48
CA LEU A 283 30.18 15.64 -13.44
C LEU A 283 30.39 14.23 -14.00
N VAL A 284 29.73 13.92 -15.11
CA VAL A 284 29.88 12.60 -15.74
C VAL A 284 31.18 12.48 -16.52
N THR A 285 31.55 13.55 -17.22
CA THR A 285 32.79 13.59 -18.01
C THR A 285 34.02 13.75 -17.12
N SER A 286 33.85 14.43 -15.99
CA SER A 286 34.93 14.62 -15.03
C SER A 286 35.14 13.34 -14.23
N ALA A 287 34.16 12.45 -14.27
CA ALA A 287 34.25 11.16 -13.60
C ALA A 287 34.86 10.13 -14.55
N TYR A 288 34.74 10.38 -15.87
CA TYR A 288 35.29 9.51 -16.90
C TYR A 288 36.83 9.59 -16.98
N LYS A 289 37.34 10.82 -16.96
CA LYS A 289 38.78 11.05 -17.04
C LYS A 289 39.54 10.69 -15.76
N LYS A 290 38.81 10.47 -14.67
CA LYS A 290 39.41 10.09 -13.40
C LYS A 290 39.21 8.60 -13.17
N GLU A 291 38.65 7.94 -14.18
CA GLU A 291 38.40 6.49 -14.16
C GLU A 291 39.25 5.83 -15.23
N LEU A 292 39.41 6.52 -16.36
CA LEU A 292 40.23 6.03 -17.46
C LEU A 292 41.68 6.45 -17.26
N SER A 293 41.93 7.23 -16.20
CA SER A 293 43.27 7.69 -15.84
C SER A 293 43.99 6.64 -14.97
N ARG A 294 43.24 5.67 -14.48
CA ARG A 294 43.78 4.59 -13.65
C ARG A 294 43.41 3.21 -14.18
N MET B 12 12.59 -7.14 25.89
CA MET B 12 12.12 -6.92 24.51
C MET B 12 10.93 -7.82 24.17
N SER B 13 9.95 -7.86 25.07
CA SER B 13 8.77 -8.70 24.89
C SER B 13 7.53 -7.86 24.62
N GLN B 14 7.62 -6.56 24.91
CA GLN B 14 6.49 -5.66 24.70
C GLN B 14 6.54 -5.12 23.28
N GLU B 15 7.75 -4.94 22.76
CA GLU B 15 7.94 -4.39 21.42
C GLU B 15 7.43 -5.32 20.32
N ARG B 16 7.10 -6.55 20.69
CA ARG B 16 6.60 -7.54 19.74
C ARG B 16 5.09 -7.78 19.83
N ILE B 17 4.39 -6.92 20.58
CA ILE B 17 2.93 -7.01 20.74
C ILE B 17 2.24 -6.04 19.76
N LEU B 18 1.57 -6.59 18.76
CA LEU B 18 0.92 -5.81 17.71
C LEU B 18 -0.60 -5.65 17.86
N ASP B 19 -1.08 -5.73 19.09
CA ASP B 19 -2.52 -5.60 19.40
C ASP B 19 -2.80 -4.31 20.17
N GLY B 20 -2.65 -3.17 19.50
CA GLY B 20 -2.91 -1.88 20.12
C GLY B 20 -1.82 -0.84 19.95
N GLU B 21 -2.07 0.33 20.53
CA GLU B 21 -1.12 1.44 20.49
C GLU B 21 -0.10 1.32 21.61
N GLU B 22 0.93 2.15 21.55
CA GLU B 22 2.00 2.15 22.54
C GLU B 22 1.50 2.24 23.99
N ASP B 23 0.52 3.10 24.23
CA ASP B 23 -0.04 3.30 25.56
C ASP B 23 -1.08 2.23 25.91
N GLU B 24 -1.91 1.87 24.93
CA GLU B 24 -2.95 0.85 25.15
C GLU B 24 -2.35 -0.46 25.67
N ILE B 25 -1.11 -0.75 25.29
CA ILE B 25 -0.44 -1.96 25.73
C ILE B 25 0.05 -1.80 27.18
N ASN B 26 0.53 -0.60 27.50
CA ASN B 26 1.01 -0.30 28.85
C ASN B 26 -0.10 -0.51 29.88
N HIS B 27 -1.27 0.06 29.61
CA HIS B 27 -2.40 -0.03 30.52
C HIS B 27 -3.03 -1.44 30.58
N LYS B 28 -3.03 -2.14 29.44
CA LYS B 28 -3.58 -3.49 29.38
C LYS B 28 -2.69 -4.42 30.22
N ILE B 29 -1.41 -4.09 30.28
CA ILE B 29 -0.43 -4.88 31.02
C ILE B 29 -0.38 -4.53 32.51
N PHE B 30 -0.74 -3.30 32.85
CA PHE B 30 -0.74 -2.85 34.23
C PHE B 30 -2.01 -3.25 34.97
N ASP B 31 -3.09 -3.48 34.22
CA ASP B 31 -4.36 -3.90 34.79
C ASP B 31 -4.27 -5.39 35.10
N LEU B 32 -3.25 -6.03 34.55
CA LEU B 32 -3.00 -7.44 34.76
C LEU B 32 -1.70 -7.61 35.56
N LYS B 33 -1.10 -6.48 35.91
CA LYS B 33 0.11 -6.46 36.74
C LYS B 33 -0.36 -6.07 38.14
N ARG B 34 -1.47 -5.33 38.20
CA ARG B 34 -2.08 -4.88 39.43
C ARG B 34 -3.15 -5.87 39.92
N THR B 35 -4.16 -6.12 39.08
CA THR B 35 -5.20 -7.10 39.40
C THR B 35 -4.52 -8.42 39.06
N LEU B 36 -3.74 -8.92 40.03
CA LEU B 36 -2.84 -10.05 39.90
C LEU B 36 -1.59 -9.44 39.25
N LYS B 37 -0.52 -9.24 40.05
CA LYS B 37 -0.42 -9.72 41.41
C LYS B 37 -1.02 -8.84 42.51
N ASP B 38 -2.07 -9.35 43.15
CA ASP B 38 -2.69 -8.72 44.31
C ASP B 38 -1.94 -9.36 45.47
N ASN B 39 -0.88 -10.10 45.13
CA ASN B 39 -0.07 -10.86 46.06
C ASN B 39 -0.85 -12.10 46.50
N LEU B 40 -0.73 -13.17 45.72
CA LEU B 40 -1.45 -14.42 45.95
C LEU B 40 -2.95 -14.26 45.62
N PRO B 41 -3.26 -13.88 44.37
CA PRO B 41 -4.65 -13.66 43.94
C PRO B 41 -5.24 -14.87 43.21
N LEU B 42 -6.44 -14.70 42.66
CA LEU B 42 -7.14 -15.77 41.92
C LEU B 42 -6.69 -15.82 40.47
N ASP B 43 -5.82 -16.78 40.14
CA ASP B 43 -5.28 -16.93 38.80
C ASP B 43 -6.29 -17.40 37.75
N ARG B 44 -7.29 -18.16 38.17
CA ARG B 44 -8.32 -18.62 37.25
C ARG B 44 -9.34 -17.50 37.03
N ASP B 45 -9.95 -17.47 35.85
CA ASP B 45 -10.91 -16.44 35.48
C ASP B 45 -10.22 -15.13 35.15
N PHE B 46 -8.92 -15.07 35.46
CA PHE B 46 -8.09 -13.92 35.14
C PHE B 46 -7.50 -14.22 33.75
N ILE B 47 -7.44 -15.51 33.43
CA ILE B 47 -6.98 -15.97 32.12
C ILE B 47 -8.04 -15.62 31.10
N ASP B 48 -9.30 -15.56 31.56
CA ASP B 48 -10.43 -15.22 30.70
C ASP B 48 -10.52 -13.70 30.51
N ARG B 49 -9.83 -12.97 31.39
CA ARG B 49 -9.77 -11.52 31.33
C ARG B 49 -8.40 -11.09 30.81
N LEU B 50 -7.73 -12.01 30.14
CA LEU B 50 -6.41 -11.77 29.52
C LEU B 50 -6.55 -12.22 28.07
N LYS B 51 -7.40 -13.21 27.85
CA LYS B 51 -7.69 -13.74 26.51
C LYS B 51 -8.62 -12.76 25.80
N ARG B 52 -9.17 -11.81 26.57
CA ARG B 52 -10.07 -10.81 26.03
C ARG B 52 -9.36 -9.45 25.91
N TYR B 53 -8.22 -9.33 26.57
CA TYR B 53 -7.39 -8.13 26.48
C TYR B 53 -6.63 -8.25 25.15
N PHE B 54 -5.98 -9.41 24.97
CA PHE B 54 -5.23 -9.73 23.76
C PHE B 54 -5.76 -11.03 23.17
N LYS B 55 -6.49 -10.90 22.07
CA LYS B 55 -7.09 -12.06 21.41
C LYS B 55 -6.04 -13.00 20.83
N ASP B 56 -4.89 -12.45 20.45
CA ASP B 56 -3.83 -13.23 19.83
C ASP B 56 -2.93 -13.95 20.82
N PRO B 57 -2.71 -15.26 20.60
CA PRO B 57 -1.88 -16.16 21.39
C PRO B 57 -0.43 -15.70 21.49
N SER B 58 0.04 -14.98 20.47
CA SER B 58 1.39 -14.46 20.48
C SER B 58 1.48 -13.28 21.42
N ASP B 59 0.40 -12.49 21.48
CA ASP B 59 0.32 -11.31 22.35
C ASP B 59 0.14 -11.70 23.82
N GLN B 60 -0.70 -12.71 24.07
CA GLN B 60 -0.94 -13.21 25.43
C GLN B 60 0.34 -13.77 26.03
N VAL B 61 1.08 -14.56 25.24
CA VAL B 61 2.34 -15.18 25.69
C VAL B 61 3.48 -14.20 25.90
N LEU B 62 3.44 -13.09 25.18
CA LEU B 62 4.46 -12.06 25.31
C LEU B 62 4.14 -11.20 26.53
N ALA B 63 2.85 -11.09 26.85
CA ALA B 63 2.41 -10.31 28.00
C ALA B 63 2.88 -10.99 29.29
N LEU B 64 2.64 -12.30 29.38
CA LEU B 64 3.04 -13.10 30.53
C LEU B 64 4.55 -13.10 30.72
N ARG B 65 5.28 -12.87 29.62
CA ARG B 65 6.74 -12.83 29.66
C ARG B 65 7.23 -11.53 30.29
N GLU B 66 6.40 -10.50 30.21
CA GLU B 66 6.72 -9.19 30.79
C GLU B 66 6.37 -9.18 32.28
N LEU B 67 5.45 -10.07 32.66
CA LEU B 67 5.07 -10.23 34.06
C LEU B 67 6.20 -10.95 34.80
N LEU B 68 6.89 -11.84 34.09
CA LEU B 68 8.00 -12.60 34.65
C LEU B 68 9.27 -11.75 34.78
N ASN B 69 9.23 -10.53 34.25
CA ASN B 69 10.38 -9.64 34.30
C ASN B 69 10.42 -8.80 35.59
N GLU B 70 9.31 -8.78 36.32
CA GLU B 70 9.21 -7.99 37.56
C GLU B 70 9.28 -8.84 38.84
N LYS B 71 9.93 -8.31 39.87
CA LYS B 71 10.06 -8.98 41.16
C LYS B 71 9.71 -7.97 42.23
N ASP B 72 9.51 -8.43 43.47
CA ASP B 72 9.59 -9.85 43.79
C ASP B 72 8.19 -10.37 44.14
N LEU B 73 7.30 -10.36 43.16
CA LEU B 73 5.92 -10.80 43.39
C LEU B 73 5.83 -12.31 43.67
N THR B 74 6.27 -12.70 44.87
CA THR B 74 6.29 -14.09 45.33
C THR B 74 6.85 -15.10 44.32
N ALA B 75 8.12 -15.44 44.44
CA ALA B 75 8.72 -16.40 43.53
C ALA B 75 8.20 -17.81 43.84
N GLU B 76 6.99 -18.08 43.37
CA GLU B 76 6.32 -19.36 43.60
C GLU B 76 5.11 -19.39 42.67
N GLN B 77 4.59 -18.20 42.38
CA GLN B 77 3.48 -18.03 41.45
C GLN B 77 4.11 -17.84 40.06
N VAL B 78 5.43 -17.61 40.09
CA VAL B 78 6.23 -17.45 38.89
C VAL B 78 6.21 -18.80 38.16
N GLU B 79 5.99 -19.85 38.94
CA GLU B 79 5.90 -21.20 38.42
C GLU B 79 4.54 -21.42 37.77
N LEU B 80 3.52 -20.76 38.32
CA LEU B 80 2.14 -20.85 37.80
C LEU B 80 1.99 -20.02 36.53
N LEU B 81 2.74 -18.94 36.45
CA LEU B 81 2.74 -18.04 35.29
C LEU B 81 3.30 -18.75 34.07
N THR B 82 4.34 -19.57 34.26
CA THR B 82 4.95 -20.33 33.17
C THR B 82 4.14 -21.58 32.86
N LYS B 83 3.12 -21.84 33.66
CA LYS B 83 2.25 -22.99 33.45
C LYS B 83 1.13 -22.61 32.46
N ILE B 84 0.73 -21.34 32.50
CA ILE B 84 -0.28 -20.82 31.59
C ILE B 84 0.37 -20.47 30.25
N ILE B 85 1.68 -20.22 30.30
CA ILE B 85 2.46 -19.92 29.10
C ILE B 85 2.55 -21.21 28.28
N ASN B 86 2.57 -22.34 28.97
CA ASN B 86 2.63 -23.66 28.34
C ASN B 86 1.22 -24.11 27.96
N GLU B 87 0.22 -23.45 28.54
CA GLU B 87 -1.17 -23.77 28.27
C GLU B 87 -1.62 -23.15 26.94
N ILE B 88 -1.02 -22.00 26.61
CA ILE B 88 -1.30 -21.29 25.37
C ILE B 88 -0.43 -21.89 24.25
N ILE B 89 0.86 -22.02 24.52
CA ILE B 89 1.82 -22.57 23.58
C ILE B 89 1.47 -23.99 23.15
N SER B 90 1.07 -24.82 24.10
CA SER B 90 0.68 -26.19 23.80
C SER B 90 -0.41 -26.22 22.73
N GLY B 91 -0.25 -27.12 21.77
CA GLY B 91 -1.20 -27.27 20.67
C GLY B 91 -0.95 -26.36 19.48
N SER B 92 -0.35 -25.19 19.74
CA SER B 92 -0.05 -24.20 18.70
C SER B 92 1.31 -23.54 18.90
N GLU B 93 2.37 -24.35 19.00
CA GLU B 93 3.73 -23.85 19.18
C GLU B 93 4.23 -23.12 17.93
N LYS B 94 3.75 -23.57 16.77
CA LYS B 94 4.16 -22.99 15.48
C LYS B 94 3.52 -21.63 15.24
N SER B 95 2.25 -21.49 15.61
CA SER B 95 1.53 -20.23 15.43
C SER B 95 2.04 -19.12 16.36
N VAL B 96 2.34 -19.49 17.61
CA VAL B 96 2.84 -18.53 18.58
C VAL B 96 4.26 -18.06 18.25
N ASN B 97 5.14 -19.00 17.91
CA ASN B 97 6.53 -18.70 17.57
C ASN B 97 6.66 -17.92 16.26
N ALA B 98 5.71 -18.16 15.34
CA ALA B 98 5.75 -17.49 14.04
C ALA B 98 5.31 -16.05 14.17
N GLY B 99 4.46 -15.78 15.15
CA GLY B 99 3.94 -14.44 15.42
C GLY B 99 4.85 -13.64 16.34
N ILE B 100 5.71 -14.33 17.07
CA ILE B 100 6.65 -13.66 17.97
C ILE B 100 7.94 -13.29 17.22
N ASN B 101 8.46 -14.27 16.48
CA ASN B 101 9.69 -14.12 15.70
C ASN B 101 9.63 -13.07 14.58
N SER B 102 8.51 -13.04 13.87
CA SER B 102 8.28 -12.07 12.78
C SER B 102 7.44 -10.85 13.22
N ALA B 103 7.61 -10.39 14.45
CA ALA B 103 6.82 -9.26 14.95
C ALA B 103 7.52 -7.93 14.78
N ILE B 104 8.83 -7.96 14.53
CA ILE B 104 9.59 -6.72 14.30
C ILE B 104 9.61 -6.36 12.82
N GLN B 105 9.55 -7.38 11.97
CA GLN B 105 9.48 -7.19 10.51
C GLN B 105 8.05 -6.78 10.14
N ALA B 106 7.07 -7.27 10.89
CA ALA B 106 5.68 -6.90 10.68
C ALA B 106 5.46 -5.46 11.12
N LYS B 107 6.38 -4.91 11.93
CA LYS B 107 6.28 -3.53 12.40
C LYS B 107 7.10 -2.64 11.45
N LEU B 108 8.24 -3.16 10.99
CA LEU B 108 9.12 -2.47 10.04
C LEU B 108 8.43 -2.29 8.71
N PHE B 109 7.81 -3.36 8.23
CA PHE B 109 7.13 -3.39 6.95
C PHE B 109 5.72 -2.78 7.02
N GLY B 110 5.04 -2.99 8.14
CA GLY B 110 3.71 -2.44 8.35
C GLY B 110 3.71 -0.92 8.28
N ASN B 111 4.87 -0.31 8.48
CA ASN B 111 4.96 1.15 8.41
C ASN B 111 5.60 1.51 7.08
N LYS B 112 6.38 0.60 6.54
CA LYS B 112 7.02 0.84 5.25
C LYS B 112 5.94 0.93 4.16
N MET B 113 4.99 0.01 4.19
CA MET B 113 3.91 -0.05 3.20
C MET B 113 2.63 0.60 3.69
N LYS B 114 2.68 1.14 4.90
CA LYS B 114 1.50 1.73 5.53
C LYS B 114 0.42 0.66 5.55
N LEU B 115 0.61 -0.30 6.47
CA LEU B 115 -0.28 -1.45 6.69
C LEU B 115 -0.27 -1.84 8.18
N GLU B 116 -1.39 -2.37 8.67
CA GLU B 116 -1.50 -2.77 10.07
C GLU B 116 -0.65 -4.00 10.32
N PRO B 117 0.35 -3.88 11.20
CA PRO B 117 1.33 -4.92 11.54
C PRO B 117 0.76 -6.29 11.91
N GLN B 118 -0.39 -6.33 12.58
CA GLN B 118 -0.95 -7.63 12.94
C GLN B 118 -1.56 -8.33 11.74
N LEU B 119 -1.62 -7.61 10.62
CA LEU B 119 -2.15 -8.11 9.35
C LEU B 119 -1.05 -8.84 8.62
N LEU B 120 0.17 -8.37 8.86
CA LEU B 120 1.38 -8.91 8.23
C LEU B 120 1.84 -10.13 9.00
N ARG B 121 1.81 -10.07 10.33
CA ARG B 121 2.22 -11.21 11.16
C ARG B 121 1.28 -12.38 10.87
N ALA B 122 0.03 -12.05 10.53
CA ALA B 122 -1.00 -13.05 10.20
C ALA B 122 -0.79 -13.62 8.81
N CYS B 123 -0.08 -12.86 7.98
CA CYS B 123 0.23 -13.27 6.61
C CYS B 123 1.38 -14.29 6.60
N TYR B 124 2.44 -13.97 7.34
CA TYR B 124 3.60 -14.86 7.45
C TYR B 124 3.22 -16.10 8.24
N ARG B 125 2.45 -15.89 9.31
CA ARG B 125 2.02 -16.99 10.17
C ARG B 125 1.09 -17.96 9.44
N GLY B 126 0.43 -17.47 8.39
CA GLY B 126 -0.45 -18.29 7.59
C GLY B 126 0.29 -18.91 6.42
N PHE B 127 1.37 -18.26 5.99
CA PHE B 127 2.20 -18.76 4.91
C PHE B 127 2.90 -20.03 5.36
N ILE B 128 3.54 -19.97 6.54
CA ILE B 128 4.26 -21.11 7.08
C ILE B 128 3.41 -22.33 7.33
N MET B 129 2.15 -22.14 7.71
CA MET B 129 1.29 -23.29 7.97
C MET B 129 0.08 -23.41 7.04
N GLY B 130 0.32 -23.34 5.74
CA GLY B 130 -0.73 -23.46 4.76
C GLY B 130 -0.28 -24.35 3.61
N ASN B 131 -1.20 -25.17 3.11
CA ASN B 131 -0.88 -26.04 1.98
C ASN B 131 -1.65 -25.64 0.72
N ILE B 132 -1.18 -24.59 0.04
CA ILE B 132 -1.74 -24.11 -1.22
C ILE B 132 -0.59 -23.88 -2.20
N SER B 133 -0.85 -23.99 -3.50
CA SER B 133 0.20 -23.87 -4.50
C SER B 133 0.91 -22.54 -4.44
N THR B 134 2.12 -22.51 -4.99
CA THR B 134 2.93 -21.28 -5.04
C THR B 134 2.17 -20.15 -5.72
N THR B 135 1.33 -20.51 -6.71
CA THR B 135 0.54 -19.54 -7.45
C THR B 135 -0.62 -19.01 -6.65
N ASP B 136 -1.35 -19.91 -5.99
CA ASP B 136 -2.51 -19.49 -5.20
C ASP B 136 -2.11 -18.58 -4.05
N GLN B 137 -0.87 -18.74 -3.58
CA GLN B 137 -0.34 -17.91 -2.51
C GLN B 137 -0.12 -16.51 -3.05
N TYR B 138 0.62 -16.41 -4.16
CA TYR B 138 0.90 -15.12 -4.78
C TYR B 138 -0.41 -14.39 -5.01
N ILE B 139 -1.38 -15.12 -5.56
CA ILE B 139 -2.69 -14.57 -5.87
C ILE B 139 -3.43 -14.10 -4.61
N GLU B 140 -3.22 -14.79 -3.50
CA GLU B 140 -3.91 -14.45 -2.26
C GLU B 140 -3.37 -13.16 -1.64
N TRP B 141 -2.05 -12.98 -1.70
CA TRP B 141 -1.40 -11.78 -1.19
C TRP B 141 -1.73 -10.58 -2.08
N LEU B 142 -2.00 -10.85 -3.35
CA LEU B 142 -2.36 -9.80 -4.31
C LEU B 142 -3.72 -9.23 -3.92
N GLY B 143 -4.64 -10.10 -3.52
CA GLY B 143 -5.98 -9.69 -3.13
C GLY B 143 -6.07 -9.13 -1.72
N ASN B 144 -5.31 -9.69 -0.80
CA ASN B 144 -5.31 -9.24 0.60
C ASN B 144 -4.61 -7.89 0.80
N PHE B 145 -3.49 -7.68 0.11
CA PHE B 145 -2.69 -6.47 0.29
C PHE B 145 -2.64 -5.51 -0.91
N GLY B 146 -3.35 -5.85 -1.97
CA GLY B 146 -3.43 -5.02 -3.14
C GLY B 146 -2.30 -5.23 -4.12
N PHE B 147 -2.50 -4.72 -5.33
CA PHE B 147 -1.53 -4.80 -6.42
C PHE B 147 -0.17 -4.18 -6.06
N ASN B 148 -0.19 -3.02 -5.40
CA ASN B 148 1.03 -2.29 -5.07
C ASN B 148 2.05 -3.04 -4.21
N HIS B 149 1.55 -3.76 -3.18
CA HIS B 149 2.37 -4.51 -2.23
C HIS B 149 2.48 -5.97 -2.58
N ARG B 150 2.50 -6.33 -3.85
CA ARG B 150 2.60 -7.75 -4.22
C ARG B 150 4.06 -8.22 -4.32
N HIS B 151 4.97 -7.25 -4.43
CA HIS B 151 6.40 -7.51 -4.47
C HIS B 151 6.99 -7.36 -3.06
N THR B 152 6.59 -6.28 -2.37
CA THR B 152 7.09 -6.01 -1.01
C THR B 152 6.70 -7.13 -0.06
N ILE B 153 5.47 -7.61 -0.20
CA ILE B 153 5.00 -8.68 0.68
C ILE B 153 5.83 -9.94 0.63
N VAL B 154 6.59 -10.18 -0.44
CA VAL B 154 7.41 -11.39 -0.47
C VAL B 154 8.77 -11.12 0.13
N ASN B 155 9.09 -9.85 0.34
CA ASN B 155 10.36 -9.48 0.99
C ASN B 155 10.08 -9.59 2.49
N PHE B 156 8.91 -9.13 2.90
CA PHE B 156 8.55 -9.24 4.30
C PHE B 156 8.59 -10.71 4.73
N VAL B 157 7.90 -11.57 3.98
CA VAL B 157 7.89 -13.00 4.28
C VAL B 157 9.32 -13.59 4.33
N GLU B 158 10.15 -13.22 3.36
CA GLU B 158 11.51 -13.74 3.31
C GLU B 158 12.36 -13.21 4.45
N GLN B 159 12.18 -11.92 4.76
CA GLN B 159 12.93 -11.29 5.85
C GLN B 159 12.49 -11.82 7.21
N SER B 160 11.24 -12.26 7.32
CA SER B 160 10.73 -12.84 8.56
C SER B 160 11.20 -14.29 8.71
N LEU B 161 11.36 -14.99 7.58
CA LEU B 161 11.83 -16.37 7.56
C LEU B 161 13.29 -16.39 8.03
N ILE B 162 14.08 -15.47 7.49
CA ILE B 162 15.47 -15.34 7.85
C ILE B 162 15.62 -15.12 9.37
N VAL B 163 14.68 -14.39 9.95
CA VAL B 163 14.68 -14.05 11.38
C VAL B 163 14.14 -15.20 12.21
N ASP B 164 13.14 -15.89 11.67
CA ASP B 164 12.52 -17.01 12.34
C ASP B 164 13.56 -18.09 12.56
N MET B 165 14.34 -18.39 11.53
CA MET B 165 15.40 -19.39 11.63
C MET B 165 16.44 -19.05 12.66
N ASP B 166 17.05 -17.86 12.50
CA ASP B 166 18.10 -17.37 13.39
C ASP B 166 17.57 -16.97 14.76
N SER B 167 16.42 -17.53 15.14
CA SER B 167 15.80 -17.25 16.42
C SER B 167 16.01 -18.46 17.34
N GLU B 168 16.13 -18.20 18.63
CA GLU B 168 16.36 -19.26 19.61
C GLU B 168 15.19 -20.23 19.72
N LYS B 169 14.01 -19.79 19.27
CA LYS B 169 12.83 -20.67 19.30
C LYS B 169 12.05 -20.61 17.97
N PRO B 170 12.61 -21.20 16.89
CA PRO B 170 11.99 -21.20 15.56
C PRO B 170 10.66 -21.94 15.56
N SER B 171 9.79 -21.57 14.63
CA SER B 171 8.47 -22.20 14.53
C SER B 171 8.54 -23.58 13.89
N CYS B 172 9.39 -23.74 12.89
CA CYS B 172 9.53 -25.00 12.17
C CYS B 172 10.92 -25.64 12.39
N ASN B 173 11.01 -26.94 12.09
CA ASN B 173 12.27 -27.66 12.20
C ASN B 173 13.03 -27.50 10.88
N ALA B 174 14.21 -28.10 10.79
CA ALA B 174 15.02 -28.00 9.59
C ALA B 174 14.24 -28.33 8.31
N TYR B 175 13.58 -29.48 8.27
CA TYR B 175 12.83 -29.92 7.08
C TYR B 175 11.62 -29.09 6.67
N GLU B 176 10.92 -28.53 7.64
CA GLU B 176 9.76 -27.70 7.37
C GLU B 176 10.26 -26.35 6.91
N PHE B 177 11.43 -25.94 7.39
CA PHE B 177 12.03 -24.64 7.05
C PHE B 177 12.72 -24.69 5.69
N GLY B 178 13.11 -25.90 5.29
CA GLY B 178 13.75 -26.13 4.01
C GLY B 178 12.69 -26.25 2.95
N PHE B 179 11.48 -26.68 3.35
CA PHE B 179 10.32 -26.82 2.46
C PHE B 179 9.71 -25.44 2.23
N VAL B 180 9.58 -24.68 3.30
CA VAL B 180 9.02 -23.32 3.25
C VAL B 180 9.89 -22.44 2.35
N LEU B 181 11.19 -22.70 2.32
CA LEU B 181 12.09 -21.91 1.49
C LEU B 181 11.99 -22.26 0.01
N SER B 182 11.54 -23.48 -0.30
CA SER B 182 11.36 -23.86 -1.71
C SER B 182 10.03 -23.28 -2.21
N LYS B 183 9.08 -23.05 -1.29
CA LYS B 183 7.81 -22.42 -1.62
C LYS B 183 8.12 -20.96 -1.86
N LEU B 184 9.23 -20.51 -1.28
CA LEU B 184 9.59 -19.10 -1.37
C LEU B 184 10.49 -18.78 -2.55
N ILE B 185 11.26 -19.75 -3.03
CA ILE B 185 12.06 -19.51 -4.22
C ILE B 185 11.09 -19.45 -5.40
N ALA B 186 10.11 -20.34 -5.41
CA ALA B 186 9.11 -20.39 -6.49
C ALA B 186 8.34 -19.09 -6.56
N ILE B 187 7.90 -18.59 -5.42
CA ILE B 187 7.17 -17.33 -5.36
C ILE B 187 8.06 -16.15 -5.78
N LYS B 188 9.37 -16.31 -5.67
CA LYS B 188 10.30 -15.25 -6.08
C LYS B 188 10.54 -15.36 -7.59
N MET B 189 10.06 -16.46 -8.19
CA MET B 189 10.18 -16.66 -9.64
C MET B 189 8.91 -16.13 -10.31
N ILE B 190 7.81 -16.27 -9.59
CA ILE B 190 6.52 -15.79 -10.06
C ILE B 190 6.63 -14.28 -10.10
N ARG B 191 7.37 -13.72 -9.15
CA ARG B 191 7.56 -12.28 -9.07
C ARG B 191 8.47 -11.78 -10.20
N THR B 192 9.50 -12.55 -10.52
CA THR B 192 10.42 -12.20 -11.60
C THR B 192 9.73 -12.13 -12.97
N SER B 193 8.78 -13.03 -13.23
CA SER B 193 8.06 -13.07 -14.51
C SER B 193 6.91 -12.08 -14.49
N ASP B 194 6.58 -11.60 -13.30
CA ASP B 194 5.56 -10.60 -13.12
C ASP B 194 6.23 -9.30 -13.55
N VAL B 195 7.43 -9.08 -13.05
CA VAL B 195 8.20 -7.89 -13.41
C VAL B 195 8.41 -7.83 -14.92
N ILE B 196 8.84 -8.95 -15.50
CA ILE B 196 9.12 -9.07 -16.94
C ILE B 196 7.88 -8.78 -17.78
N PHE B 197 6.77 -9.39 -17.41
CA PHE B 197 5.51 -9.22 -18.10
C PHE B 197 5.10 -7.75 -18.08
N MET B 198 5.27 -7.10 -16.94
CA MET B 198 4.92 -5.69 -16.79
C MET B 198 5.73 -4.76 -17.66
N LYS B 199 6.94 -5.17 -18.03
CA LYS B 199 7.79 -4.38 -18.92
C LYS B 199 7.25 -4.53 -20.33
N LYS B 200 6.58 -5.66 -20.57
CA LYS B 200 5.99 -5.98 -21.88
C LYS B 200 4.65 -5.27 -22.07
N LEU B 201 3.90 -5.12 -20.97
CA LEU B 201 2.59 -4.46 -21.01
C LEU B 201 2.69 -2.97 -21.33
N GLU B 202 3.56 -2.26 -20.62
CA GLU B 202 3.69 -0.82 -20.86
C GLU B 202 4.41 -0.53 -22.17
N SER B 203 5.26 -1.47 -22.60
CA SER B 203 5.99 -1.34 -23.85
C SER B 203 5.04 -1.59 -25.05
N SER B 204 3.99 -2.35 -24.82
CA SER B 204 2.99 -2.65 -25.85
C SER B 204 1.75 -1.80 -25.59
N SER B 205 1.86 -0.95 -24.57
CA SER B 205 0.79 -0.02 -24.14
C SER B 205 -0.63 -0.53 -24.30
N LEU B 206 -0.90 -1.72 -23.76
CA LEU B 206 -2.23 -2.32 -23.81
C LEU B 206 -3.12 -1.71 -22.73
N LEU B 207 -2.47 -1.15 -21.72
CA LEU B 207 -3.14 -0.51 -20.59
C LEU B 207 -3.30 1.00 -20.80
N LYS B 208 -2.59 1.54 -21.79
CA LYS B 208 -2.66 2.96 -22.11
C LYS B 208 -4.09 3.40 -22.42
N ASP B 209 -4.90 2.49 -22.95
CA ASP B 209 -6.30 2.77 -23.24
C ASP B 209 -7.07 2.88 -21.92
N GLY B 210 -6.67 2.06 -20.96
CA GLY B 210 -7.32 1.99 -19.66
C GLY B 210 -8.35 0.87 -19.68
N SER B 211 -8.61 0.37 -20.90
CA SER B 211 -9.57 -0.71 -21.12
C SER B 211 -9.21 -1.99 -20.38
N LEU B 212 -7.90 -2.26 -20.27
CA LEU B 212 -7.41 -3.47 -19.62
C LEU B 212 -6.78 -3.26 -18.25
N SER B 213 -7.05 -4.20 -17.35
CA SER B 213 -6.48 -4.16 -16.01
C SER B 213 -5.15 -4.91 -16.04
N ALA B 214 -4.14 -4.34 -15.39
CA ALA B 214 -2.82 -4.96 -15.33
C ALA B 214 -2.89 -6.22 -14.49
N GLU B 215 -3.63 -6.15 -13.38
CA GLU B 215 -3.81 -7.27 -12.47
C GLU B 215 -4.54 -8.43 -13.11
N GLN B 216 -5.58 -8.11 -13.88
CA GLN B 216 -6.38 -9.12 -14.57
C GLN B 216 -5.56 -9.82 -15.63
N LEU B 217 -4.62 -9.10 -16.23
CA LEU B 217 -3.72 -9.66 -17.23
C LEU B 217 -2.72 -10.57 -16.54
N LEU B 218 -2.30 -10.17 -15.34
CA LEU B 218 -1.36 -10.94 -14.53
C LEU B 218 -1.92 -12.32 -14.18
N LEU B 219 -3.09 -12.34 -13.53
CA LEU B 219 -3.71 -13.60 -13.14
C LEU B 219 -3.80 -14.53 -14.34
N THR B 220 -4.15 -13.99 -15.49
CA THR B 220 -4.24 -14.77 -16.71
C THR B 220 -2.90 -15.41 -17.04
N LEU B 221 -1.83 -14.68 -16.81
CA LEU B 221 -0.48 -15.16 -17.12
C LEU B 221 -0.05 -16.30 -16.23
N LEU B 222 -0.40 -16.21 -14.95
CA LEU B 222 -0.03 -17.25 -13.99
C LEU B 222 -0.68 -18.59 -14.34
N TYR B 223 -1.90 -18.52 -14.86
CA TYR B 223 -2.65 -19.71 -15.26
C TYR B 223 -2.06 -20.34 -16.50
N ILE B 224 -1.26 -19.57 -17.23
CA ILE B 224 -0.58 -20.07 -18.41
C ILE B 224 0.63 -20.84 -17.91
N PHE B 225 1.13 -20.48 -16.74
CA PHE B 225 2.26 -21.16 -16.12
C PHE B 225 1.80 -22.48 -15.51
N GLN B 226 0.64 -22.44 -14.84
CA GLN B 226 0.04 -23.63 -14.23
C GLN B 226 -0.38 -24.64 -15.31
N TYR B 227 -1.25 -24.20 -16.22
CA TYR B 227 -1.78 -25.04 -17.29
C TYR B 227 -1.49 -24.49 -18.69
N PRO B 228 -0.29 -24.77 -19.22
CA PRO B 228 0.18 -24.29 -20.52
C PRO B 228 -0.68 -24.74 -21.70
N SER B 229 -1.10 -26.00 -21.70
CA SER B 229 -1.89 -26.55 -22.80
C SER B 229 -3.22 -25.83 -23.05
N GLU B 230 -3.65 -25.01 -22.08
CA GLU B 230 -4.91 -24.28 -22.19
C GLU B 230 -4.67 -22.78 -22.32
N SER B 231 -3.59 -22.41 -22.99
CA SER B 231 -3.27 -21.00 -23.17
C SER B 231 -4.32 -20.25 -23.99
N GLU B 232 -4.83 -20.90 -25.03
CA GLU B 232 -5.86 -20.31 -25.88
C GLU B 232 -7.18 -20.12 -25.13
N GLN B 233 -7.56 -21.14 -24.36
CA GLN B 233 -8.80 -21.13 -23.58
C GLN B 233 -8.71 -20.18 -22.39
N ILE B 234 -7.50 -19.97 -21.89
CA ILE B 234 -7.28 -19.08 -20.74
C ILE B 234 -7.29 -17.62 -21.19
N LEU B 235 -6.80 -17.39 -22.40
CA LEU B 235 -6.70 -16.06 -22.99
C LEU B 235 -8.01 -15.55 -23.57
N THR B 236 -9.08 -16.34 -23.45
CA THR B 236 -10.39 -15.95 -23.99
C THR B 236 -10.99 -14.73 -23.30
N SER B 237 -10.68 -14.56 -22.02
CA SER B 237 -11.22 -13.44 -21.26
C SER B 237 -10.57 -12.11 -21.62
N VAL B 238 -9.31 -12.18 -22.03
CA VAL B 238 -8.54 -11.01 -22.40
C VAL B 238 -8.96 -10.47 -23.75
N ILE B 239 -9.07 -11.38 -24.73
CA ILE B 239 -9.45 -11.03 -26.10
C ILE B 239 -10.70 -10.14 -26.21
N GLU B 240 -11.59 -10.24 -25.23
CA GLU B 240 -12.81 -9.44 -25.23
C GLU B 240 -12.52 -7.94 -25.26
N VAL B 241 -11.72 -7.47 -24.30
CA VAL B 241 -11.38 -6.05 -24.18
C VAL B 241 -10.20 -5.66 -25.08
N SER B 242 -9.50 -6.67 -25.57
CA SER B 242 -8.35 -6.49 -26.45
C SER B 242 -8.77 -6.16 -27.87
N ARG B 243 -9.69 -6.97 -28.42
CA ARG B 243 -10.20 -6.76 -29.78
C ARG B 243 -10.83 -5.37 -29.99
N ALA B 244 -11.52 -4.88 -28.96
CA ALA B 244 -12.19 -3.58 -28.99
C ALA B 244 -11.21 -2.45 -29.32
N SER B 245 -10.06 -2.45 -28.65
CA SER B 245 -9.03 -1.44 -28.84
C SER B 245 -7.81 -1.96 -29.62
N HIS B 246 -7.09 -2.89 -29.01
CA HIS B 246 -5.88 -3.48 -29.61
C HIS B 246 -6.08 -4.63 -30.58
N GLU B 247 -5.00 -5.02 -31.26
CA GLU B 247 -5.03 -6.12 -32.22
C GLU B 247 -5.18 -7.43 -31.44
N ASP B 248 -4.68 -8.52 -32.02
CA ASP B 248 -4.70 -9.84 -31.39
C ASP B 248 -3.29 -10.45 -31.43
N SER B 249 -2.49 -10.02 -32.40
CA SER B 249 -1.11 -10.49 -32.51
C SER B 249 -0.27 -9.67 -31.55
N VAL B 250 -0.93 -8.76 -30.84
CA VAL B 250 -0.31 -7.87 -29.85
C VAL B 250 -0.49 -8.47 -28.44
N VAL B 251 -1.71 -8.86 -28.13
CA VAL B 251 -2.01 -9.46 -26.83
C VAL B 251 -1.36 -10.83 -26.70
N TYR B 252 -1.24 -11.55 -27.83
CA TYR B 252 -0.62 -12.88 -27.82
C TYR B 252 0.90 -12.79 -27.78
N GLN B 253 1.46 -11.77 -28.43
CA GLN B 253 2.90 -11.57 -28.46
C GLN B 253 3.44 -11.08 -27.12
N THR B 254 2.58 -10.36 -26.38
CA THR B 254 2.95 -9.84 -25.07
C THR B 254 3.15 -11.01 -24.13
N TYR B 255 2.22 -11.97 -24.18
CA TYR B 255 2.28 -13.14 -23.33
C TYR B 255 3.37 -14.11 -23.78
N LEU B 256 3.51 -14.31 -25.08
CA LEU B 256 4.52 -15.22 -25.62
C LEU B 256 5.95 -14.80 -25.34
N SER B 257 6.29 -13.57 -25.66
CA SER B 257 7.66 -13.09 -25.44
C SER B 257 7.99 -12.98 -23.95
N SER B 258 6.96 -12.82 -23.12
CA SER B 258 7.13 -12.73 -21.67
C SER B 258 7.46 -14.10 -21.09
N VAL B 259 6.87 -15.15 -21.69
CA VAL B 259 7.09 -16.53 -21.28
C VAL B 259 8.51 -16.95 -21.64
N ASN B 260 9.03 -16.34 -22.69
CA ASN B 260 10.36 -16.64 -23.22
C ASN B 260 11.53 -16.35 -22.27
N GLU B 261 11.81 -15.07 -22.02
CA GLU B 261 12.92 -14.70 -21.17
C GLU B 261 12.62 -14.70 -19.67
N SER B 262 11.60 -15.46 -19.28
CA SER B 262 11.25 -15.60 -17.88
C SER B 262 11.91 -16.91 -17.42
N PRO B 263 12.24 -17.03 -16.12
CA PRO B 263 12.86 -18.24 -15.58
C PRO B 263 12.15 -19.51 -16.04
N HIS B 264 12.92 -20.49 -16.48
CA HIS B 264 12.39 -21.76 -16.97
C HIS B 264 11.66 -22.55 -15.90
N ASP B 265 12.20 -22.54 -14.69
CA ASP B 265 11.66 -23.34 -13.59
C ASP B 265 10.26 -22.94 -13.14
N ILE B 266 9.76 -21.85 -13.68
CA ILE B 266 8.42 -21.34 -13.37
C ILE B 266 7.34 -22.28 -13.92
N PHE B 267 7.73 -23.13 -14.87
CA PHE B 267 6.85 -24.16 -15.40
C PHE B 267 7.30 -25.42 -14.72
N LYS B 268 6.33 -26.20 -14.21
CA LYS B 268 6.61 -27.44 -13.51
C LYS B 268 7.63 -28.32 -14.26
N SER B 269 7.51 -28.34 -15.59
CA SER B 269 8.31 -29.17 -16.48
C SER B 269 8.79 -28.29 -17.66
N GLU B 270 9.79 -28.77 -18.41
CA GLU B 270 10.27 -28.03 -19.58
C GLU B 270 9.47 -28.39 -20.84
N SER B 271 8.80 -29.55 -20.82
CA SER B 271 7.93 -29.95 -21.91
C SER B 271 6.71 -29.03 -21.82
N GLU B 272 6.30 -28.74 -20.58
CA GLU B 272 5.16 -27.87 -20.31
C GLU B 272 5.49 -26.46 -20.72
N ARG B 273 6.78 -26.12 -20.69
CA ARG B 273 7.21 -24.78 -21.08
C ARG B 273 7.11 -24.66 -22.58
N GLU B 274 7.69 -25.62 -23.30
CA GLU B 274 7.66 -25.61 -24.76
C GLU B 274 6.25 -25.72 -25.32
N ILE B 275 5.33 -26.29 -24.54
CA ILE B 275 3.93 -26.42 -24.96
C ILE B 275 3.27 -25.04 -24.87
N ALA B 276 3.69 -24.22 -23.92
CA ALA B 276 3.13 -22.89 -23.76
C ALA B 276 4.08 -21.89 -24.36
N ILE B 277 4.61 -22.22 -25.53
CA ILE B 277 5.52 -21.38 -26.31
C ILE B 277 5.19 -21.71 -27.76
N ASN B 278 4.95 -22.99 -28.02
CA ASN B 278 4.58 -23.43 -29.36
C ASN B 278 3.12 -23.06 -29.50
N ILE B 279 2.36 -23.23 -28.43
CA ILE B 279 0.94 -22.90 -28.41
C ILE B 279 0.69 -21.41 -28.52
N LEU B 280 1.66 -20.63 -28.04
CA LEU B 280 1.54 -19.18 -28.08
C LEU B 280 2.09 -18.64 -29.39
N ARG B 281 3.05 -19.35 -29.96
CA ARG B 281 3.66 -18.97 -31.23
C ARG B 281 2.68 -19.12 -32.38
N GLU B 282 1.88 -20.18 -32.36
CA GLU B 282 0.90 -20.41 -33.42
C GLU B 282 -0.32 -19.51 -33.25
N LEU B 283 -0.58 -19.07 -32.03
CA LEU B 283 -1.70 -18.17 -31.76
C LEU B 283 -1.34 -16.76 -32.22
N VAL B 284 -0.04 -16.47 -32.26
CA VAL B 284 0.44 -15.19 -32.76
C VAL B 284 0.47 -15.31 -34.27
N THR B 285 0.98 -16.44 -34.75
CA THR B 285 1.10 -16.75 -36.18
C THR B 285 -0.27 -16.75 -36.88
N SER B 286 -1.27 -17.31 -36.22
CA SER B 286 -2.63 -17.35 -36.75
C SER B 286 -3.28 -15.97 -36.71
N ALA B 287 -2.78 -15.10 -35.85
CA ALA B 287 -3.29 -13.74 -35.75
C ALA B 287 -2.59 -12.90 -36.81
N TYR B 288 -1.31 -13.21 -37.06
CA TYR B 288 -0.48 -12.53 -38.06
C TYR B 288 -1.07 -12.69 -39.47
N LYS B 289 -1.65 -13.85 -39.74
CA LYS B 289 -2.25 -14.16 -41.03
C LYS B 289 -3.65 -13.56 -41.19
N LYS B 290 -4.46 -13.67 -40.16
CA LYS B 290 -5.84 -13.17 -40.21
C LYS B 290 -5.93 -11.66 -40.20
N GLU B 291 -4.81 -11.00 -39.98
CA GLU B 291 -4.77 -9.54 -39.94
C GLU B 291 -4.24 -8.93 -41.23
N LEU B 292 -3.08 -9.42 -41.68
CA LEU B 292 -2.48 -8.91 -42.91
C LEU B 292 -3.22 -9.47 -44.13
N SER B 293 -4.26 -10.25 -43.87
CA SER B 293 -5.08 -10.85 -44.91
C SER B 293 -6.54 -11.04 -44.48
N ARG B 294 -7.30 -9.94 -44.38
CA ARG B 294 -6.77 -8.60 -44.65
C ARG B 294 -7.31 -7.57 -43.66
#